data_3WUB
#
_entry.id   3WUB
#
_cell.length_a   80.910
_cell.length_b   80.910
_cell.length_c   289.302
_cell.angle_alpha   90.00
_cell.angle_beta   90.00
_cell.angle_gamma   120.00
#
_symmetry.space_group_name_H-M   'P 65 2 2'
#
loop_
_entity.id
_entity.type
_entity.pdbx_description
1 polymer 'Endo-1,4-beta-xylanase A'
2 non-polymer 'ZINC ION'
3 water water
#
_entity_poly.entity_id   1
_entity_poly.type   'polypeptide(L)'
_entity_poly.pdbx_seq_one_letter_code
;DTATLGELAEAKGRYFGSATDNPELPDTQYTQILGSEFSQITVGNTMKWQYTEPSRGRFDYTAAEEIVDLAESNGQSVRG
HTLVWHNQLPSWVDDVPAGELLGVMRDHITHEVDHFKGRLIHWDVVNEAFEEDGSRRQSVFQQKIGDSYIAEAFKAARAA
DPDVKLYYNDYNIEGIGPKSDAVYEMVKSFKAQGIPIDGVGMQAHLIAGQVPASLQENIRRFADLGVDVALTELDIRMTL
PRTAAKDAQQATDYGAVVEACLVVSRCVGITVWDYTDKYSWVPSVFPGQGAALPWDEDFAKKPAYHAIAAALN
;
_entity_poly.pdbx_strand_id   A
#
loop_
_chem_comp.id
_chem_comp.type
_chem_comp.name
_chem_comp.formula
ZN non-polymer 'ZINC ION' 'Zn 2'
#
# COMPACT_ATOMS: atom_id res chain seq x y z
N ASP A 1 6.06 -1.40 29.13
CA ASP A 1 5.76 -0.98 27.73
C ASP A 1 6.83 -0.05 27.20
N THR A 2 7.66 -0.57 26.29
CA THR A 2 8.71 0.24 25.66
C THR A 2 8.05 0.83 24.43
N ALA A 3 8.53 2.00 23.99
CA ALA A 3 7.95 2.65 22.83
C ALA A 3 7.82 1.72 21.62
N THR A 4 6.58 1.57 21.14
CA THR A 4 6.31 0.73 19.98
C THR A 4 6.69 1.49 18.71
N LEU A 5 6.79 0.77 17.59
CA LEU A 5 7.13 1.41 16.31
C LEU A 5 6.11 2.50 16.03
N GLY A 6 4.84 2.21 16.30
CA GLY A 6 3.79 3.18 16.06
C GLY A 6 3.98 4.43 16.89
N GLU A 7 4.33 4.26 18.17
CA GLU A 7 4.56 5.38 19.06
C GLU A 7 5.77 6.19 18.63
N LEU A 8 6.85 5.51 18.25
CA LEU A 8 8.06 6.20 17.80
C LEU A 8 7.76 7.00 16.55
N ALA A 9 7.00 6.41 15.62
CA ALA A 9 6.65 7.10 14.37
C ALA A 9 5.77 8.31 14.62
N GLU A 10 4.74 8.14 15.46
CA GLU A 10 3.83 9.23 15.76
C GLU A 10 4.54 10.42 16.38
N ALA A 11 5.57 10.15 17.18
CA ALA A 11 6.33 11.20 17.83
C ALA A 11 6.99 12.08 16.78
N LYS A 12 7.10 11.58 15.55
CA LYS A 12 7.72 12.34 14.48
C LYS A 12 6.71 12.75 13.41
N GLY A 13 5.44 12.75 13.80
CA GLY A 13 4.37 13.15 12.90
C GLY A 13 4.03 12.17 11.79
N ARG A 14 4.43 10.91 11.95
CA ARG A 14 4.15 9.90 10.94
C ARG A 14 3.51 8.66 11.57
N TYR A 15 3.03 7.75 10.73
CA TYR A 15 2.44 6.52 11.23
C TYR A 15 3.32 5.35 10.81
N PHE A 16 3.19 4.24 11.53
CA PHE A 16 3.89 3.02 11.18
C PHE A 16 2.81 1.98 11.35
N GLY A 17 2.47 1.31 10.25
CA GLY A 17 1.40 0.34 10.33
C GLY A 17 1.70 -0.99 9.69
N SER A 18 0.65 -1.81 9.62
CA SER A 18 0.77 -3.13 9.03
C SER A 18 -0.53 -3.47 8.33
N ALA A 19 -0.40 -4.25 7.26
CA ALA A 19 -1.57 -4.72 6.55
C ALA A 19 -1.98 -5.98 7.31
N THR A 20 -3.20 -6.45 7.10
CA THR A 20 -3.66 -7.67 7.74
C THR A 20 -4.78 -8.25 6.90
N ASP A 21 -5.21 -9.46 7.23
CA ASP A 21 -6.27 -10.13 6.49
C ASP A 21 -7.15 -10.90 7.48
N ASN A 22 -8.42 -11.00 7.14
CA ASN A 22 -9.40 -11.68 7.98
C ASN A 22 -9.02 -13.05 8.55
N PRO A 23 -8.43 -13.93 7.72
CA PRO A 23 -8.04 -15.27 8.19
C PRO A 23 -7.03 -15.28 9.34
N GLU A 24 -6.34 -14.17 9.52
CA GLU A 24 -5.33 -14.07 10.57
C GLU A 24 -5.88 -13.61 11.91
N LEU A 25 -7.04 -12.97 11.91
CA LEU A 25 -7.63 -12.46 13.13
C LEU A 25 -7.84 -13.47 14.26
N PRO A 26 -8.02 -14.77 13.93
CA PRO A 26 -8.22 -15.74 15.01
C PRO A 26 -6.94 -15.95 15.85
N ASP A 27 -5.79 -15.78 15.20
CA ASP A 27 -4.49 -15.92 15.87
C ASP A 27 -4.38 -14.84 16.96
N THR A 28 -4.64 -15.22 18.19
CA THR A 28 -4.61 -14.29 19.31
C THR A 28 -3.27 -13.59 19.53
N GLN A 29 -2.18 -14.32 19.43
CA GLN A 29 -0.87 -13.73 19.61
C GLN A 29 -0.63 -12.68 18.51
N TYR A 30 -1.00 -13.02 17.28
CA TYR A 30 -0.83 -12.12 16.14
C TYR A 30 -1.63 -10.84 16.32
N THR A 31 -2.91 -10.96 16.70
CA THR A 31 -3.75 -9.79 16.85
C THR A 31 -3.34 -8.89 18.01
N GLN A 32 -2.83 -9.48 19.09
CA GLN A 32 -2.42 -8.68 20.24
C GLN A 32 -1.28 -7.74 19.82
N ILE A 33 -0.33 -8.23 19.03
CA ILE A 33 0.78 -7.40 18.57
C ILE A 33 0.27 -6.40 17.53
N LEU A 34 -0.56 -6.88 16.60
CA LEU A 34 -1.10 -6.02 15.55
C LEU A 34 -1.80 -4.79 16.13
N GLY A 35 -2.57 -4.99 17.20
CA GLY A 35 -3.30 -3.89 17.80
C GLY A 35 -2.54 -2.95 18.72
N SER A 36 -1.40 -3.39 19.24
CA SER A 36 -0.64 -2.54 20.15
C SER A 36 0.64 -1.93 19.59
N GLU A 37 1.27 -2.61 18.63
CA GLU A 37 2.53 -2.13 18.08
C GLU A 37 2.42 -1.07 16.98
N PHE A 38 1.31 -1.08 16.25
CA PHE A 38 1.12 -0.16 15.13
C PHE A 38 0.07 0.91 15.34
N SER A 39 0.19 2.00 14.59
CA SER A 39 -0.75 3.11 14.67
C SER A 39 -1.65 3.19 13.44
N GLN A 40 -1.39 2.32 12.47
CA GLN A 40 -2.16 2.31 11.23
C GLN A 40 -2.33 0.89 10.72
N ILE A 41 -3.44 0.66 10.02
CA ILE A 41 -3.75 -0.65 9.49
C ILE A 41 -4.24 -0.55 8.05
N THR A 42 -3.82 -1.49 7.20
CA THR A 42 -4.28 -1.51 5.83
C THR A 42 -5.06 -2.80 5.64
N VAL A 43 -6.23 -2.70 5.02
CA VAL A 43 -7.04 -3.89 4.74
C VAL A 43 -6.33 -4.58 3.58
N GLY A 44 -5.73 -5.74 3.86
CA GLY A 44 -4.97 -6.45 2.86
C GLY A 44 -5.63 -7.09 1.65
N ASN A 45 -6.87 -7.56 1.78
CA ASN A 45 -7.53 -8.22 0.66
C ASN A 45 -9.01 -7.96 0.46
N THR A 46 -9.76 -7.97 1.56
CA THR A 46 -11.20 -7.83 1.48
C THR A 46 -11.84 -6.53 1.03
N MET A 47 -11.02 -5.58 0.56
CA MET A 47 -11.55 -4.34 0.04
C MET A 47 -11.38 -4.36 -1.46
N LYS A 48 -10.81 -5.46 -1.97
CA LYS A 48 -10.58 -5.61 -3.40
C LYS A 48 -11.87 -6.01 -4.11
N TRP A 49 -11.95 -5.64 -5.38
CA TRP A 49 -13.11 -5.88 -6.24
C TRP A 49 -13.75 -7.26 -6.20
N GLN A 50 -12.94 -8.31 -6.22
CA GLN A 50 -13.51 -9.65 -6.21
C GLN A 50 -14.35 -9.88 -4.95
N TYR A 51 -14.03 -9.17 -3.87
CA TYR A 51 -14.75 -9.32 -2.61
C TYR A 51 -15.89 -8.31 -2.42
N THR A 52 -15.65 -7.05 -2.78
CA THR A 52 -16.66 -6.02 -2.59
C THR A 52 -17.76 -5.95 -3.64
N GLU A 53 -17.54 -6.49 -4.82
CA GLU A 53 -18.57 -6.50 -5.85
C GLU A 53 -18.45 -7.81 -6.65
N PRO A 54 -18.70 -8.95 -5.98
CA PRO A 54 -18.62 -10.29 -6.57
C PRO A 54 -19.54 -10.51 -7.76
N SER A 55 -20.65 -9.78 -7.81
CA SER A 55 -21.59 -9.87 -8.92
C SER A 55 -21.92 -8.42 -9.27
N ARG A 56 -22.15 -8.14 -10.54
CA ARG A 56 -22.43 -6.78 -10.97
C ARG A 56 -23.56 -6.07 -10.24
N GLY A 57 -23.25 -4.92 -9.66
CA GLY A 57 -24.25 -4.13 -8.97
C GLY A 57 -24.63 -4.58 -7.57
N ARG A 58 -24.01 -5.64 -7.09
CA ARG A 58 -24.30 -6.15 -5.76
C ARG A 58 -23.02 -6.07 -4.93
N PHE A 59 -22.99 -5.16 -3.96
CA PHE A 59 -21.82 -4.94 -3.15
C PHE A 59 -21.82 -5.70 -1.83
N ASP A 60 -20.62 -5.94 -1.31
CA ASP A 60 -20.41 -6.71 -0.10
C ASP A 60 -19.19 -6.17 0.68
N TYR A 61 -19.44 -5.44 1.76
CA TYR A 61 -18.36 -4.86 2.55
C TYR A 61 -18.15 -5.58 3.88
N THR A 62 -18.85 -6.70 4.03
CA THR A 62 -18.79 -7.51 5.26
C THR A 62 -17.38 -7.75 5.79
N ALA A 63 -16.57 -8.48 5.02
CA ALA A 63 -15.21 -8.79 5.44
C ALA A 63 -14.35 -7.55 5.73
N ALA A 64 -14.37 -6.58 4.82
CA ALA A 64 -13.60 -5.35 5.01
C ALA A 64 -13.99 -4.64 6.30
N GLU A 65 -15.29 -4.61 6.57
CA GLU A 65 -15.81 -3.96 7.77
C GLU A 65 -15.20 -4.51 9.05
N GLU A 66 -15.01 -5.83 9.09
CA GLU A 66 -14.43 -6.46 10.27
C GLU A 66 -13.08 -5.85 10.61
N ILE A 67 -12.23 -5.70 9.61
CA ILE A 67 -10.89 -5.15 9.84
C ILE A 67 -10.95 -3.67 10.18
N VAL A 68 -11.81 -2.91 9.50
CA VAL A 68 -11.90 -1.49 9.80
C VAL A 68 -12.35 -1.28 11.25
N ASP A 69 -13.35 -2.04 11.69
CA ASP A 69 -13.83 -1.91 13.07
C ASP A 69 -12.73 -2.23 14.05
N LEU A 70 -11.98 -3.29 13.77
CA LEU A 70 -10.88 -3.69 14.65
C LEU A 70 -9.87 -2.57 14.80
N ALA A 71 -9.51 -1.93 13.68
CA ALA A 71 -8.55 -0.83 13.71
C ALA A 71 -9.08 0.30 14.57
N GLU A 72 -10.35 0.63 14.36
CA GLU A 72 -10.99 1.71 15.12
C GLU A 72 -10.97 1.41 16.62
N SER A 73 -11.19 0.14 16.98
CA SER A 73 -11.19 -0.27 18.38
C SER A 73 -9.84 -0.08 19.05
N ASN A 74 -8.77 -0.12 18.26
CA ASN A 74 -7.44 0.06 18.80
C ASN A 74 -6.95 1.48 18.59
N GLY A 75 -7.79 2.33 18.03
CA GLY A 75 -7.41 3.71 17.80
C GLY A 75 -6.40 3.84 16.66
N GLN A 76 -6.47 2.91 15.71
CA GLN A 76 -5.54 2.92 14.58
C GLN A 76 -6.20 3.46 13.32
N SER A 77 -5.47 4.27 12.55
CA SER A 77 -6.00 4.81 11.32
C SER A 77 -6.05 3.67 10.30
N VAL A 78 -6.79 3.86 9.20
CA VAL A 78 -6.93 2.83 8.18
C VAL A 78 -6.74 3.33 6.75
N ARG A 79 -6.09 2.52 5.93
CA ARG A 79 -5.90 2.86 4.51
C ARG A 79 -6.74 1.88 3.70
N GLY A 80 -7.47 2.40 2.72
CA GLY A 80 -8.30 1.55 1.87
C GLY A 80 -7.44 1.01 0.74
N HIS A 81 -7.66 -0.25 0.36
CA HIS A 81 -6.84 -0.88 -0.68
C HIS A 81 -7.58 -2.06 -1.33
N THR A 82 -7.85 -2.01 -2.63
CA THR A 82 -7.54 -0.92 -3.55
C THR A 82 -8.76 -0.88 -4.47
N LEU A 83 -9.08 0.28 -5.05
CA LEU A 83 -10.27 0.40 -5.89
C LEU A 83 -10.19 -0.13 -7.31
N VAL A 84 -9.15 0.26 -8.05
CA VAL A 84 -9.01 -0.19 -9.43
C VAL A 84 -7.68 -0.92 -9.58
N TRP A 85 -7.76 -2.19 -9.97
CA TRP A 85 -6.58 -3.03 -10.11
C TRP A 85 -6.88 -4.13 -11.13
N HIS A 86 -5.87 -4.51 -11.92
CA HIS A 86 -6.07 -5.54 -12.94
C HIS A 86 -6.15 -6.95 -12.35
N ASN A 87 -5.67 -7.13 -11.13
CA ASN A 87 -5.71 -8.44 -10.47
C ASN A 87 -6.88 -8.56 -9.49
N GLN A 88 -7.13 -9.78 -9.03
CA GLN A 88 -8.21 -10.06 -8.09
C GLN A 88 -9.46 -9.31 -8.49
N LEU A 89 -9.86 -9.54 -9.73
CA LEU A 89 -11.03 -8.92 -10.33
C LEU A 89 -12.03 -10.03 -10.65
N PRO A 90 -13.29 -9.88 -10.21
CA PRO A 90 -14.27 -10.93 -10.50
C PRO A 90 -14.43 -11.11 -12.01
N SER A 91 -14.75 -12.34 -12.42
CA SER A 91 -14.89 -12.66 -13.84
C SER A 91 -15.92 -11.85 -14.65
N TRP A 92 -16.97 -11.37 -14.00
CA TRP A 92 -17.98 -10.60 -14.74
C TRP A 92 -17.45 -9.31 -15.34
N VAL A 93 -16.44 -8.72 -14.69
CA VAL A 93 -15.88 -7.46 -15.17
C VAL A 93 -15.39 -7.54 -16.62
N ASP A 94 -14.75 -8.65 -16.98
CA ASP A 94 -14.25 -8.81 -18.35
C ASP A 94 -15.40 -8.91 -19.36
N ASP A 95 -16.56 -9.38 -18.91
CA ASP A 95 -17.69 -9.53 -19.82
C ASP A 95 -18.46 -8.24 -20.06
N VAL A 96 -18.17 -7.21 -19.28
CA VAL A 96 -18.84 -5.92 -19.45
C VAL A 96 -18.48 -5.35 -20.82
N PRO A 97 -19.48 -4.97 -21.63
CA PRO A 97 -19.20 -4.39 -22.94
C PRO A 97 -18.27 -3.19 -22.78
N ALA A 98 -17.29 -3.07 -23.66
CA ALA A 98 -16.32 -1.98 -23.60
C ALA A 98 -16.91 -0.62 -23.28
N GLY A 99 -17.93 -0.22 -24.03
CA GLY A 99 -18.56 1.07 -23.83
C GLY A 99 -19.21 1.31 -22.47
N GLU A 100 -19.40 0.24 -21.70
CA GLU A 100 -20.02 0.34 -20.38
C GLU A 100 -19.02 0.32 -19.22
N LEU A 101 -17.81 -0.17 -19.48
CA LEU A 101 -16.80 -0.30 -18.42
C LEU A 101 -16.53 0.98 -17.64
N LEU A 102 -16.40 2.11 -18.31
CA LEU A 102 -16.14 3.35 -17.59
C LEU A 102 -17.24 3.62 -16.56
N GLY A 103 -18.49 3.41 -16.95
CA GLY A 103 -19.59 3.64 -16.03
C GLY A 103 -19.56 2.64 -14.88
N VAL A 104 -19.13 1.42 -15.18
CA VAL A 104 -19.04 0.38 -14.16
C VAL A 104 -17.94 0.68 -13.17
N MET A 105 -16.80 1.14 -13.66
CA MET A 105 -15.66 1.46 -12.80
C MET A 105 -16.01 2.64 -11.90
N ARG A 106 -16.69 3.64 -12.45
CA ARG A 106 -17.09 4.80 -11.67
C ARG A 106 -18.06 4.38 -10.57
N ASP A 107 -19.01 3.52 -10.93
CA ASP A 107 -20.00 3.06 -9.96
C ASP A 107 -19.34 2.25 -8.83
N HIS A 108 -18.47 1.33 -9.20
CA HIS A 108 -17.78 0.51 -8.22
C HIS A 108 -17.08 1.43 -7.21
N ILE A 109 -16.34 2.41 -7.74
CA ILE A 109 -15.62 3.36 -6.91
C ILE A 109 -16.58 4.17 -6.02
N THR A 110 -17.65 4.69 -6.61
CA THR A 110 -18.60 5.49 -5.83
C THR A 110 -19.19 4.74 -4.64
N HIS A 111 -19.66 3.52 -4.84
CA HIS A 111 -20.23 2.75 -3.75
C HIS A 111 -19.23 2.43 -2.63
N GLU A 112 -18.05 1.97 -3.00
CA GLU A 112 -17.06 1.61 -1.98
C GLU A 112 -16.54 2.82 -1.21
N VAL A 113 -16.24 3.92 -1.91
CA VAL A 113 -15.74 5.11 -1.24
C VAL A 113 -16.81 5.71 -0.34
N ASP A 114 -18.04 5.73 -0.83
CA ASP A 114 -19.14 6.28 -0.06
C ASP A 114 -19.40 5.47 1.21
N HIS A 115 -19.36 4.14 1.08
CA HIS A 115 -19.60 3.28 2.23
C HIS A 115 -18.65 3.51 3.38
N PHE A 116 -17.38 3.75 3.06
CA PHE A 116 -16.37 3.99 4.10
C PHE A 116 -16.05 5.46 4.34
N LYS A 117 -16.84 6.35 3.76
CA LYS A 117 -16.60 7.78 3.94
C LYS A 117 -16.40 8.12 5.41
N GLY A 118 -15.40 8.95 5.69
CA GLY A 118 -15.12 9.37 7.05
C GLY A 118 -14.41 8.38 7.97
N ARG A 119 -14.10 7.19 7.47
CA ARG A 119 -13.44 6.19 8.29
C ARG A 119 -11.98 5.86 7.89
N LEU A 120 -11.60 6.23 6.68
CA LEU A 120 -10.26 5.94 6.19
C LEU A 120 -9.43 7.21 5.97
N ILE A 121 -8.12 7.12 6.18
CA ILE A 121 -7.28 8.29 5.95
C ILE A 121 -6.86 8.37 4.48
N HIS A 122 -6.64 7.21 3.84
CA HIS A 122 -6.23 7.13 2.43
C HIS A 122 -7.00 6.05 1.68
N TRP A 123 -6.97 6.14 0.36
CA TRP A 123 -7.55 5.16 -0.55
C TRP A 123 -6.51 4.94 -1.66
N ASP A 124 -6.16 3.69 -1.94
CA ASP A 124 -5.26 3.42 -3.07
C ASP A 124 -6.29 3.32 -4.20
N VAL A 125 -6.52 4.43 -4.89
CA VAL A 125 -7.52 4.47 -5.96
C VAL A 125 -7.20 3.60 -7.17
N VAL A 126 -5.99 3.74 -7.70
CA VAL A 126 -5.56 2.94 -8.85
C VAL A 126 -4.27 2.28 -8.43
N ASN A 127 -4.13 1.00 -8.78
CA ASN A 127 -2.95 0.23 -8.39
C ASN A 127 -2.26 -0.46 -9.58
N GLU A 128 -0.94 -0.34 -9.63
CA GLU A 128 -0.11 -0.97 -10.65
C GLU A 128 -0.58 -0.78 -12.09
N ALA A 129 -0.66 0.46 -12.53
CA ALA A 129 -1.11 0.77 -13.88
C ALA A 129 0.01 0.84 -14.91
N PHE A 130 1.25 0.73 -14.46
CA PHE A 130 2.41 0.82 -15.36
C PHE A 130 3.27 -0.43 -15.46
N GLU A 131 3.93 -0.58 -16.60
CA GLU A 131 4.84 -1.69 -16.83
C GLU A 131 6.22 -1.19 -16.41
N GLU A 132 7.19 -2.08 -16.32
CA GLU A 132 8.53 -1.69 -15.91
C GLU A 132 9.20 -0.65 -16.80
N ASP A 133 8.84 -0.61 -18.08
CA ASP A 133 9.45 0.37 -18.97
C ASP A 133 8.75 1.72 -18.95
N GLY A 134 7.70 1.84 -18.14
CA GLY A 134 7.00 3.10 -18.06
C GLY A 134 5.75 3.21 -18.92
N SER A 135 5.49 2.21 -19.75
CA SER A 135 4.29 2.24 -20.59
C SER A 135 3.12 1.78 -19.72
N ARG A 136 1.90 2.00 -20.20
CA ARG A 136 0.70 1.60 -19.47
C ARG A 136 0.49 0.10 -19.49
N ARG A 137 0.13 -0.49 -18.36
CA ARG A 137 -0.16 -1.91 -18.31
C ARG A 137 -1.44 -2.06 -19.13
N GLN A 138 -1.49 -3.06 -20.01
CA GLN A 138 -2.65 -3.25 -20.86
C GLN A 138 -3.75 -4.07 -20.17
N SER A 139 -4.26 -3.53 -19.08
CA SER A 139 -5.33 -4.17 -18.31
C SER A 139 -6.66 -3.94 -19.02
N VAL A 140 -7.71 -4.60 -18.53
CA VAL A 140 -9.04 -4.45 -19.11
C VAL A 140 -9.47 -2.97 -19.12
N PHE A 141 -9.08 -2.24 -18.07
CA PHE A 141 -9.42 -0.82 -17.97
C PHE A 141 -8.68 0.02 -19.02
N GLN A 142 -7.38 -0.22 -19.16
CA GLN A 142 -6.56 0.51 -20.13
C GLN A 142 -7.03 0.22 -21.56
N GLN A 143 -7.25 -1.05 -21.85
CA GLN A 143 -7.68 -1.47 -23.18
C GLN A 143 -9.07 -1.02 -23.61
N LYS A 144 -10.05 -1.13 -22.72
CA LYS A 144 -11.41 -0.76 -23.08
C LYS A 144 -11.81 0.68 -22.80
N ILE A 145 -11.17 1.33 -21.83
CA ILE A 145 -11.51 2.71 -21.52
C ILE A 145 -10.51 3.69 -22.13
N GLY A 146 -9.22 3.33 -22.11
CA GLY A 146 -8.20 4.20 -22.65
C GLY A 146 -7.34 4.80 -21.55
N ASP A 147 -6.43 5.69 -21.93
CA ASP A 147 -5.52 6.34 -20.99
C ASP A 147 -6.19 7.14 -19.88
N SER A 148 -7.37 7.66 -20.15
CA SER A 148 -8.08 8.48 -19.17
C SER A 148 -8.72 7.73 -18.00
N TYR A 149 -8.69 6.40 -18.01
CA TYR A 149 -9.33 5.68 -16.92
C TYR A 149 -8.77 6.04 -15.55
N ILE A 150 -7.46 6.21 -15.47
CA ILE A 150 -6.84 6.56 -14.18
C ILE A 150 -7.39 7.89 -13.67
N ALA A 151 -7.38 8.90 -14.53
CA ALA A 151 -7.88 10.21 -14.13
C ALA A 151 -9.37 10.12 -13.74
N GLU A 152 -10.14 9.37 -14.51
CA GLU A 152 -11.56 9.21 -14.23
C GLU A 152 -11.80 8.54 -12.87
N ALA A 153 -10.95 7.57 -12.54
CA ALA A 153 -11.06 6.87 -11.26
C ALA A 153 -10.84 7.85 -10.10
N PHE A 154 -9.83 8.71 -10.22
CA PHE A 154 -9.54 9.68 -9.16
C PHE A 154 -10.67 10.70 -9.02
N LYS A 155 -11.24 11.14 -10.13
CA LYS A 155 -12.33 12.11 -10.07
C LYS A 155 -13.56 11.47 -9.41
N ALA A 156 -13.82 10.21 -9.73
CA ALA A 156 -14.97 9.50 -9.15
C ALA A 156 -14.79 9.37 -7.64
N ALA A 157 -13.58 9.04 -7.21
CA ALA A 157 -13.30 8.87 -5.80
C ALA A 157 -13.47 10.19 -5.03
N ARG A 158 -12.90 11.26 -5.59
CA ARG A 158 -12.99 12.58 -4.96
C ARG A 158 -14.44 13.02 -4.85
N ALA A 159 -15.25 12.70 -5.86
CA ALA A 159 -16.66 13.08 -5.86
C ALA A 159 -17.45 12.35 -4.77
N ALA A 160 -17.00 11.15 -4.40
CA ALA A 160 -17.68 10.35 -3.38
C ALA A 160 -17.24 10.66 -1.96
N ASP A 161 -16.02 11.17 -1.79
CA ASP A 161 -15.49 11.50 -0.47
C ASP A 161 -14.47 12.62 -0.64
N PRO A 162 -14.86 13.85 -0.31
CA PRO A 162 -14.01 15.04 -0.40
C PRO A 162 -12.77 15.11 0.48
N ASP A 163 -12.83 14.52 1.67
CA ASP A 163 -11.72 14.60 2.60
C ASP A 163 -10.63 13.53 2.60
N VAL A 164 -10.94 12.34 2.10
CA VAL A 164 -9.96 11.26 2.11
C VAL A 164 -8.83 11.49 1.10
N LYS A 165 -7.60 11.18 1.51
CA LYS A 165 -6.44 11.34 0.62
C LYS A 165 -6.48 10.29 -0.48
N LEU A 166 -6.35 10.72 -1.72
CA LEU A 166 -6.38 9.80 -2.85
C LEU A 166 -4.96 9.49 -3.32
N TYR A 167 -4.61 8.20 -3.29
CA TYR A 167 -3.28 7.76 -3.69
C TYR A 167 -3.20 6.89 -4.94
N TYR A 168 -2.06 7.01 -5.64
CA TYR A 168 -1.78 6.15 -6.79
C TYR A 168 -0.73 5.23 -6.18
N ASN A 169 -0.92 3.92 -6.34
CA ASN A 169 -0.02 2.93 -5.74
C ASN A 169 0.61 2.02 -6.79
N ASP A 170 1.88 1.69 -6.61
CA ASP A 170 2.58 0.81 -7.55
C ASP A 170 3.88 0.30 -6.95
N TYR A 171 4.43 -0.77 -7.53
CA TYR A 171 5.69 -1.33 -7.05
C TYR A 171 6.82 -0.98 -8.01
N ASN A 172 8.06 -1.17 -7.55
CA ASN A 172 9.25 -0.86 -8.32
C ASN A 172 9.30 0.59 -8.77
N ILE A 173 8.84 1.49 -7.89
CA ILE A 173 8.89 2.92 -8.19
C ILE A 173 9.55 3.62 -7.00
N GLU A 174 10.37 2.87 -6.28
CA GLU A 174 11.08 3.40 -5.12
C GLU A 174 12.29 4.21 -5.59
N GLY A 175 13.02 3.67 -6.56
CA GLY A 175 14.18 4.37 -7.07
C GLY A 175 13.85 5.20 -8.30
N ILE A 176 14.75 6.11 -8.67
CA ILE A 176 14.54 6.92 -9.86
C ILE A 176 14.81 6.03 -11.07
N GLY A 177 13.82 5.93 -11.95
CA GLY A 177 13.97 5.09 -13.13
C GLY A 177 12.81 5.24 -14.09
N PRO A 178 12.74 4.42 -15.15
CA PRO A 178 11.68 4.45 -16.15
C PRO A 178 10.26 4.43 -15.56
N LYS A 179 10.01 3.47 -14.68
CA LYS A 179 8.68 3.36 -14.08
C LYS A 179 8.31 4.57 -13.21
N SER A 180 9.16 4.93 -12.25
CA SER A 180 8.85 6.07 -11.40
C SER A 180 8.74 7.36 -12.21
N ASP A 181 9.53 7.48 -13.28
CA ASP A 181 9.44 8.68 -14.12
C ASP A 181 8.04 8.78 -14.72
N ALA A 182 7.50 7.64 -15.15
CA ALA A 182 6.17 7.61 -15.73
C ALA A 182 5.14 8.08 -14.70
N VAL A 183 5.28 7.61 -13.46
CA VAL A 183 4.36 8.01 -12.40
C VAL A 183 4.53 9.50 -12.15
N TYR A 184 5.79 9.94 -12.14
CA TYR A 184 6.11 11.34 -11.91
C TYR A 184 5.43 12.22 -12.96
N GLU A 185 5.53 11.82 -14.23
CA GLU A 185 4.91 12.58 -15.30
C GLU A 185 3.39 12.60 -15.16
N MET A 186 2.81 11.45 -14.83
CA MET A 186 1.36 11.36 -14.67
C MET A 186 0.92 12.33 -13.57
N VAL A 187 1.59 12.28 -12.42
CA VAL A 187 1.24 13.15 -11.30
C VAL A 187 1.35 14.61 -11.71
N LYS A 188 2.44 14.95 -12.40
CA LYS A 188 2.65 16.32 -12.84
C LYS A 188 1.51 16.71 -13.78
N SER A 189 1.14 15.77 -14.65
CA SER A 189 0.05 16.00 -15.59
C SER A 189 -1.27 16.23 -14.84
N PHE A 190 -1.54 15.40 -13.83
CA PHE A 190 -2.77 15.54 -13.05
C PHE A 190 -2.85 16.89 -12.36
N LYS A 191 -1.74 17.33 -11.77
CA LYS A 191 -1.71 18.62 -11.09
C LYS A 191 -2.03 19.78 -12.02
N ALA A 192 -1.50 19.71 -13.24
CA ALA A 192 -1.72 20.77 -14.22
C ALA A 192 -3.16 20.82 -14.73
N GLN A 193 -3.77 19.64 -14.89
CA GLN A 193 -5.14 19.56 -15.40
C GLN A 193 -6.21 19.62 -14.32
N GLY A 194 -5.80 19.76 -13.07
CA GLY A 194 -6.76 19.83 -11.99
C GLY A 194 -7.37 18.49 -11.59
N ILE A 195 -6.74 17.39 -12.02
CA ILE A 195 -7.24 16.07 -11.66
C ILE A 195 -6.82 15.82 -10.21
N PRO A 196 -7.78 15.43 -9.36
CA PRO A 196 -7.46 15.18 -7.96
C PRO A 196 -6.56 13.97 -7.69
N ILE A 197 -5.50 14.20 -6.91
CA ILE A 197 -4.56 13.18 -6.50
C ILE A 197 -3.77 13.80 -5.35
N ASP A 198 -3.75 13.13 -4.21
CA ASP A 198 -3.07 13.64 -3.03
C ASP A 198 -1.76 12.97 -2.67
N GLY A 199 -1.52 11.78 -3.21
CA GLY A 199 -0.27 11.11 -2.87
C GLY A 199 0.13 9.94 -3.75
N VAL A 200 1.38 9.53 -3.56
CA VAL A 200 1.92 8.41 -4.30
C VAL A 200 2.35 7.35 -3.31
N GLY A 201 1.85 6.15 -3.50
CA GLY A 201 2.22 5.07 -2.61
C GLY A 201 3.28 4.21 -3.26
N MET A 202 4.43 4.09 -2.61
CA MET A 202 5.49 3.23 -3.13
C MET A 202 5.35 1.94 -2.35
N GLN A 203 4.92 0.88 -3.01
CA GLN A 203 4.73 -0.40 -2.34
C GLN A 203 5.97 -0.83 -1.57
N ALA A 204 7.14 -0.59 -2.16
CA ALA A 204 8.41 -0.93 -1.53
C ALA A 204 8.63 -2.41 -1.24
N HIS A 205 8.26 -3.27 -2.18
CA HIS A 205 8.51 -4.70 -2.02
C HIS A 205 9.96 -4.79 -2.52
N LEU A 206 10.90 -4.74 -1.58
CA LEU A 206 12.32 -4.75 -1.92
C LEU A 206 13.05 -6.06 -1.72
N ILE A 207 14.28 -6.10 -2.21
CA ILE A 207 15.12 -7.28 -2.08
C ILE A 207 16.31 -6.89 -1.22
N ALA A 208 16.58 -7.68 -0.19
CA ALA A 208 17.69 -7.42 0.72
C ALA A 208 18.98 -7.25 -0.08
N GLY A 209 19.69 -6.15 0.18
CA GLY A 209 20.93 -5.88 -0.51
C GLY A 209 20.74 -5.11 -1.81
N GLN A 210 19.49 -4.89 -2.20
CA GLN A 210 19.21 -4.17 -3.44
C GLN A 210 18.23 -3.02 -3.27
N VAL A 211 18.42 -2.23 -2.21
CA VAL A 211 17.55 -1.09 -1.99
C VAL A 211 18.03 0.06 -2.87
N PRO A 212 17.13 0.65 -3.68
CA PRO A 212 17.50 1.75 -4.57
C PRO A 212 18.18 2.90 -3.81
N ALA A 213 19.42 3.19 -4.16
CA ALA A 213 20.15 4.26 -3.50
C ALA A 213 19.52 5.63 -3.74
N SER A 214 18.74 5.76 -4.81
CA SER A 214 18.10 7.04 -5.12
C SER A 214 16.72 7.16 -4.47
N LEU A 215 16.41 6.25 -3.55
CA LEU A 215 15.13 6.24 -2.86
C LEU A 215 14.70 7.61 -2.33
N GLN A 216 15.54 8.18 -1.47
CA GLN A 216 15.18 9.45 -0.88
C GLN A 216 15.05 10.62 -1.86
N GLU A 217 15.90 10.66 -2.89
CA GLU A 217 15.78 11.72 -3.89
C GLU A 217 14.46 11.54 -4.62
N ASN A 218 14.08 10.29 -4.84
CA ASN A 218 12.83 9.98 -5.52
C ASN A 218 11.63 10.42 -4.67
N ILE A 219 11.69 10.16 -3.37
CA ILE A 219 10.60 10.55 -2.49
C ILE A 219 10.50 12.08 -2.52
N ARG A 220 11.65 12.74 -2.45
CA ARG A 220 11.69 14.19 -2.44
C ARG A 220 11.09 14.86 -3.69
N ARG A 221 11.42 14.34 -4.88
CA ARG A 221 10.89 14.96 -6.09
C ARG A 221 9.37 14.86 -6.19
N PHE A 222 8.80 13.81 -5.62
CA PHE A 222 7.34 13.68 -5.64
C PHE A 222 6.76 14.67 -4.66
N ALA A 223 7.40 14.79 -3.49
CA ALA A 223 6.94 15.72 -2.48
C ALA A 223 6.95 17.13 -3.05
N ASP A 224 7.95 17.45 -3.86
CA ASP A 224 8.06 18.77 -4.46
C ASP A 224 6.98 19.02 -5.52
N LEU A 225 6.31 17.97 -5.97
CA LEU A 225 5.25 18.13 -6.96
C LEU A 225 3.96 18.56 -6.27
N GLY A 226 3.95 18.45 -4.95
CA GLY A 226 2.76 18.83 -4.20
C GLY A 226 1.94 17.65 -3.73
N VAL A 227 2.51 16.46 -3.71
CA VAL A 227 1.79 15.27 -3.23
C VAL A 227 2.54 14.63 -2.07
N ASP A 228 1.79 13.92 -1.21
CA ASP A 228 2.41 13.24 -0.09
C ASP A 228 2.93 11.92 -0.63
N VAL A 229 3.79 11.26 0.14
CA VAL A 229 4.32 9.97 -0.26
C VAL A 229 4.23 9.02 0.93
N ALA A 230 3.98 7.75 0.64
CA ALA A 230 3.92 6.73 1.68
C ALA A 230 4.50 5.42 1.16
N LEU A 231 5.16 4.68 2.05
CA LEU A 231 5.69 3.37 1.70
C LEU A 231 4.53 2.51 2.16
N THR A 232 3.81 1.94 1.21
CA THR A 232 2.60 1.19 1.48
C THR A 232 2.59 -0.31 1.70
N GLU A 233 3.56 -1.05 1.17
CA GLU A 233 3.57 -2.49 1.35
C GLU A 233 4.98 -2.98 1.58
N LEU A 234 5.69 -2.28 2.45
CA LEU A 234 7.08 -2.60 2.74
C LEU A 234 7.42 -4.00 3.26
N ASP A 235 8.38 -4.61 2.57
CA ASP A 235 8.98 -5.88 2.94
C ASP A 235 10.27 -6.01 2.13
N ILE A 236 11.26 -6.67 2.73
CA ILE A 236 12.56 -6.82 2.09
C ILE A 236 12.91 -8.30 2.13
N ARG A 237 12.57 -8.99 1.05
CA ARG A 237 12.81 -10.42 0.97
C ARG A 237 14.25 -10.82 0.72
N MET A 238 14.56 -12.07 1.06
CA MET A 238 15.90 -12.60 0.86
C MET A 238 15.75 -14.02 0.36
N THR A 239 16.83 -14.54 -0.21
CA THR A 239 16.81 -15.91 -0.69
C THR A 239 17.04 -16.76 0.55
N LEU A 240 16.15 -17.71 0.79
CA LEU A 240 16.25 -18.59 1.94
C LEU A 240 17.43 -19.55 1.79
N PRO A 241 17.95 -20.09 2.90
CA PRO A 241 17.49 -19.86 4.28
C PRO A 241 18.13 -18.62 4.90
N ARG A 242 17.60 -18.22 6.06
CA ARG A 242 18.14 -17.06 6.78
C ARG A 242 19.53 -17.38 7.29
N THR A 243 20.33 -16.33 7.49
CA THR A 243 21.66 -16.45 8.05
C THR A 243 21.87 -15.13 8.77
N ALA A 244 22.82 -15.09 9.70
CA ALA A 244 23.10 -13.88 10.46
C ALA A 244 23.47 -12.74 9.51
N ALA A 245 24.25 -13.07 8.47
CA ALA A 245 24.67 -12.06 7.52
C ALA A 245 23.48 -11.50 6.74
N LYS A 246 22.60 -12.39 6.29
CA LYS A 246 21.42 -11.95 5.53
C LYS A 246 20.53 -11.09 6.43
N ASP A 247 20.30 -11.57 7.66
CA ASP A 247 19.48 -10.83 8.62
C ASP A 247 20.08 -9.44 8.87
N ALA A 248 21.40 -9.37 8.96
CA ALA A 248 22.08 -8.10 9.21
C ALA A 248 21.91 -7.15 8.04
N GLN A 249 22.06 -7.68 6.82
CA GLN A 249 21.89 -6.87 5.61
C GLN A 249 20.46 -6.33 5.57
N GLN A 250 19.51 -7.21 5.87
CA GLN A 250 18.09 -6.82 5.87
C GLN A 250 17.86 -5.70 6.87
N ALA A 251 18.51 -5.78 8.03
CA ALA A 251 18.37 -4.77 9.07
C ALA A 251 18.89 -3.43 8.55
N THR A 252 20.05 -3.46 7.93
CA THR A 252 20.64 -2.25 7.38
C THR A 252 19.68 -1.64 6.36
N ASP A 253 19.09 -2.49 5.52
CA ASP A 253 18.15 -2.01 4.50
C ASP A 253 16.91 -1.36 5.12
N TYR A 254 16.33 -2.01 6.12
CA TYR A 254 15.15 -1.45 6.77
C TYR A 254 15.49 -0.08 7.36
N GLY A 255 16.66 0.02 7.97
CA GLY A 255 17.08 1.28 8.56
C GLY A 255 17.20 2.39 7.53
N ALA A 256 17.78 2.06 6.37
CA ALA A 256 17.96 3.03 5.29
C ALA A 256 16.62 3.51 4.73
N VAL A 257 15.69 2.59 4.57
CA VAL A 257 14.37 2.92 4.05
C VAL A 257 13.64 3.85 5.02
N VAL A 258 13.66 3.52 6.31
CA VAL A 258 13.01 4.36 7.31
C VAL A 258 13.65 5.75 7.37
N GLU A 259 14.97 5.81 7.41
CA GLU A 259 15.66 7.10 7.43
C GLU A 259 15.25 7.96 6.25
N ALA A 260 15.19 7.35 5.07
CA ALA A 260 14.81 8.07 3.84
C ALA A 260 13.47 8.78 3.99
N CYS A 261 12.49 8.09 4.55
CA CYS A 261 11.17 8.67 4.72
C CYS A 261 11.17 9.80 5.75
N LEU A 262 11.95 9.62 6.81
CA LEU A 262 12.05 10.62 7.86
C LEU A 262 12.68 11.95 7.46
N VAL A 263 13.49 11.96 6.41
CA VAL A 263 14.11 13.22 5.98
C VAL A 263 13.23 14.05 5.05
N VAL A 264 12.19 13.45 4.49
CA VAL A 264 11.28 14.17 3.61
C VAL A 264 9.99 14.45 4.39
N SER A 265 9.71 15.72 4.63
CA SER A 265 8.54 16.11 5.41
C SER A 265 7.19 15.60 4.89
N ARG A 266 7.07 15.40 3.59
CA ARG A 266 5.80 14.91 3.06
C ARG A 266 5.70 13.38 2.98
N CYS A 267 6.65 12.67 3.57
CA CYS A 267 6.56 11.22 3.62
C CYS A 267 5.76 10.99 4.91
N VAL A 268 4.47 10.71 4.77
CA VAL A 268 3.56 10.55 5.90
C VAL A 268 3.60 9.28 6.72
N GLY A 269 4.17 8.20 6.20
CA GLY A 269 4.18 6.99 7.00
C GLY A 269 4.63 5.75 6.26
N ILE A 270 4.78 4.66 7.00
CA ILE A 270 5.22 3.39 6.45
C ILE A 270 4.31 2.27 6.88
N THR A 271 3.99 1.38 5.95
CA THR A 271 3.15 0.23 6.25
C THR A 271 3.89 -1.01 5.76
N VAL A 272 4.06 -2.02 6.62
CA VAL A 272 4.72 -3.25 6.20
C VAL A 272 3.61 -4.19 5.72
N TRP A 273 3.89 -4.99 4.68
CA TRP A 273 2.85 -5.89 4.17
C TRP A 273 2.77 -7.07 5.13
N ASP A 274 2.06 -6.80 6.21
CA ASP A 274 1.87 -7.69 7.36
C ASP A 274 3.18 -7.53 8.11
N TYR A 275 3.30 -8.07 9.31
CA TYR A 275 4.53 -7.84 10.05
C TYR A 275 5.35 -9.06 10.46
N THR A 276 4.77 -10.25 10.34
CA THR A 276 5.48 -11.47 10.70
C THR A 276 5.63 -12.40 9.51
N ASP A 277 6.79 -13.05 9.42
CA ASP A 277 7.05 -13.97 8.31
C ASP A 277 5.97 -15.05 8.24
N LYS A 278 5.35 -15.34 9.38
CA LYS A 278 4.31 -16.35 9.46
C LYS A 278 3.19 -16.16 8.43
N TYR A 279 2.87 -14.91 8.11
CA TYR A 279 1.80 -14.64 7.15
C TYR A 279 2.23 -13.87 5.90
N SER A 280 3.52 -13.71 5.71
CA SER A 280 4.01 -12.98 4.55
C SER A 280 3.57 -13.65 3.23
N TRP A 281 3.19 -12.83 2.26
CA TRP A 281 2.76 -13.32 0.95
C TRP A 281 3.94 -13.75 0.08
N VAL A 282 5.14 -13.32 0.45
CA VAL A 282 6.35 -13.60 -0.33
C VAL A 282 6.63 -15.05 -0.76
N PRO A 283 6.70 -16.00 0.20
CA PRO A 283 6.98 -17.38 -0.20
C PRO A 283 6.09 -17.92 -1.31
N SER A 284 4.79 -17.64 -1.24
CA SER A 284 3.84 -18.13 -2.23
C SER A 284 3.99 -17.50 -3.62
N VAL A 285 4.62 -16.33 -3.70
CA VAL A 285 4.79 -15.66 -4.98
C VAL A 285 6.22 -15.71 -5.51
N PHE A 286 7.20 -15.69 -4.61
CA PHE A 286 8.60 -15.72 -4.98
C PHE A 286 9.24 -17.02 -4.47
N PRO A 287 9.23 -18.07 -5.30
CA PRO A 287 9.79 -19.37 -4.93
C PRO A 287 11.24 -19.27 -4.44
N GLY A 288 11.48 -19.81 -3.24
CA GLY A 288 12.82 -19.79 -2.66
C GLY A 288 13.15 -18.53 -1.86
N GLN A 289 12.21 -17.59 -1.80
CA GLN A 289 12.44 -16.34 -1.08
C GLN A 289 11.50 -16.22 0.13
N GLY A 290 11.88 -15.39 1.08
CA GLY A 290 11.06 -15.23 2.27
C GLY A 290 11.74 -14.42 3.35
N ALA A 291 11.36 -14.68 4.61
CA ALA A 291 11.91 -14.00 5.77
C ALA A 291 12.00 -12.49 5.52
N ALA A 292 10.97 -11.93 4.91
CA ALA A 292 10.98 -10.51 4.56
C ALA A 292 10.50 -9.50 5.60
N LEU A 293 9.99 -9.96 6.74
CA LEU A 293 9.46 -9.03 7.73
C LEU A 293 10.28 -8.88 9.01
N PRO A 294 9.99 -7.85 9.82
CA PRO A 294 10.69 -7.59 11.09
C PRO A 294 10.50 -8.62 12.20
N TRP A 295 9.41 -9.38 12.14
CA TRP A 295 9.10 -10.42 13.12
C TRP A 295 9.18 -11.77 12.39
N ASP A 296 9.80 -12.78 12.98
CA ASP A 296 9.84 -14.07 12.29
C ASP A 296 8.57 -14.88 12.56
N GLU A 297 8.53 -16.09 12.02
CA GLU A 297 7.36 -16.97 12.17
C GLU A 297 6.95 -17.30 13.59
N ASP A 298 7.86 -17.10 14.54
CA ASP A 298 7.55 -17.38 15.94
C ASP A 298 7.34 -16.10 16.72
N PHE A 299 7.19 -15.00 16.00
CA PHE A 299 6.98 -13.68 16.58
C PHE A 299 8.19 -13.11 17.32
N ALA A 300 9.38 -13.64 17.03
CA ALA A 300 10.59 -13.10 17.64
C ALA A 300 10.98 -11.89 16.80
N LYS A 301 11.37 -10.80 17.45
CA LYS A 301 11.78 -9.60 16.70
C LYS A 301 13.20 -9.80 16.17
N LYS A 302 13.37 -9.54 14.89
CA LYS A 302 14.66 -9.70 14.22
C LYS A 302 15.53 -8.45 14.34
N PRO A 303 16.77 -8.52 13.83
CA PRO A 303 17.67 -7.37 13.87
C PRO A 303 17.01 -6.23 13.10
N ALA A 304 16.13 -6.58 12.17
CA ALA A 304 15.41 -5.59 11.36
C ALA A 304 14.59 -4.68 12.27
N TYR A 305 13.92 -5.27 13.26
CA TYR A 305 13.12 -4.48 14.18
C TYR A 305 13.97 -3.45 14.90
N HIS A 306 15.13 -3.88 15.38
CA HIS A 306 16.06 -2.99 16.09
C HIS A 306 16.44 -1.81 15.19
N ALA A 307 16.74 -2.10 13.93
CA ALA A 307 17.11 -1.06 12.98
C ALA A 307 15.98 -0.07 12.73
N ILE A 308 14.75 -0.57 12.62
CA ILE A 308 13.60 0.30 12.39
C ILE A 308 13.40 1.24 13.58
N ALA A 309 13.38 0.68 14.78
CA ALA A 309 13.19 1.48 15.99
C ALA A 309 14.31 2.52 16.15
N ALA A 310 15.53 2.13 15.85
CA ALA A 310 16.67 3.04 15.95
C ALA A 310 16.52 4.20 14.96
N ALA A 311 16.08 3.89 13.74
CA ALA A 311 15.89 4.91 12.73
C ALA A 311 14.78 5.88 13.15
N LEU A 312 13.69 5.33 13.67
CA LEU A 312 12.57 6.14 14.13
C LEU A 312 13.02 6.92 15.36
N ASN A 313 14.12 6.45 15.96
CA ASN A 313 14.76 7.04 17.14
C ASN A 313 14.19 6.64 18.50
ZN ZN B . -18.84 -1.65 11.71
ZN ZN C . -24.58 2.77 -8.16
ZN ZN D . 14.67 9.34 -15.32
ZN ZN E . 12.85 -17.45 15.36
ZN ZN F . -20.43 -11.71 2.03
#